data_6B4Q
#
_entry.id   6B4Q
#
_cell.length_a   99.740
_cell.length_b   99.740
_cell.length_c   99.740
_cell.angle_alpha   90.00
_cell.angle_beta   90.00
_cell.angle_gamma   90.00
#
_symmetry.space_group_name_H-M   'P 21 3'
#
loop_
_entity.id
_entity.type
_entity.pdbx_description
1 polymer 'Purine nucleoside phosphorylase'
2 non-polymer 'DIMETHYL SULFOXIDE'
3 non-polymer pyridin-4-ol
4 water water
#
_entity_poly.entity_id   1
_entity_poly.type   'polypeptide(L)'
_entity_poly.pdbx_seq_one_letter_code
;MTTPVVANYENASMAADYIKRVSNVLPDIGII(CME)GSGLGKLIEEIEERKVIPYINIPNFPKTTVAGHVGNLVLGSVG
GRKIVAMQGRLHMYEGYSNQEIALPIRVMKLLGVRVLLITNLAGGINRKLKSGDFVLIKGHINFPGLGLNNVLVGPNQDE
FGPRFPDLSNAYDRLLQQLALKIAQENDFQDLVHEGVYAFNGGPTYESPDESNMLLKLGCDVVGMSTVPEVIIACHCGIK
VLAVSLIANNSILDAENDVSINHEKVLAVAEKRADLLQMWFKEIITRLPLD
;
_entity_poly.pdbx_strand_id   A
#
# COMPACT_ATOMS: atom_id res chain seq x y z
N VAL A 5 -13.33 18.69 -0.72
CA VAL A 5 -12.00 19.17 -1.14
C VAL A 5 -11.43 18.29 -2.26
N VAL A 6 -11.16 18.90 -3.41
CA VAL A 6 -10.64 18.18 -4.57
C VAL A 6 -9.12 17.98 -4.44
N ALA A 7 -8.61 16.82 -4.91
CA ALA A 7 -7.16 16.52 -4.89
C ALA A 7 -6.46 17.19 -6.09
N ASN A 8 -6.56 18.53 -6.14
CA ASN A 8 -5.97 19.31 -7.21
C ASN A 8 -4.62 19.91 -6.78
N TYR A 9 -3.98 20.58 -7.75
CA TYR A 9 -2.64 21.13 -7.58
C TYR A 9 -2.59 22.17 -6.45
N GLU A 10 -3.54 23.11 -6.46
CA GLU A 10 -3.57 24.17 -5.44
C GLU A 10 -3.74 23.57 -4.03
N ASN A 11 -4.66 22.62 -3.87
CA ASN A 11 -4.95 22.12 -2.53
C ASN A 11 -3.80 21.25 -2.00
N ALA A 12 -3.23 20.40 -2.85
CA ALA A 12 -2.05 19.62 -2.47
C ALA A 12 -0.87 20.53 -2.12
N SER A 13 -0.69 21.62 -2.87
CA SER A 13 0.40 22.56 -2.59
C SER A 13 0.25 23.20 -1.21
N MET A 14 -0.99 23.48 -0.78
CA MET A 14 -1.16 24.12 0.52
C MET A 14 -0.75 23.18 1.64
N ALA A 15 -1.08 21.91 1.50
CA ALA A 15 -0.69 20.90 2.48
C ALA A 15 0.82 20.72 2.50
N ALA A 16 1.45 20.64 1.31
CA ALA A 16 2.90 20.49 1.26
C ALA A 16 3.62 21.69 1.87
N ASP A 17 3.11 22.90 1.66
CA ASP A 17 3.71 24.08 2.28
C ASP A 17 3.76 23.96 3.80
N TYR A 18 2.63 23.58 4.42
CA TYR A 18 2.56 23.38 5.87
C TYR A 18 3.59 22.36 6.33
N ILE A 19 3.64 21.22 5.67
CA ILE A 19 4.54 20.13 6.07
C ILE A 19 5.99 20.59 6.00
N LYS A 20 6.39 21.17 4.87
CA LYS A 20 7.78 21.62 4.72
C LYS A 20 8.19 22.55 5.85
N ARG A 21 7.30 23.47 6.25
CA ARG A 21 7.62 24.41 7.32
C ARG A 21 7.89 23.69 8.63
N VAL A 22 7.14 22.64 8.90
CA VAL A 22 7.19 21.96 10.19
C VAL A 22 8.32 20.95 10.27
N SER A 23 8.70 20.29 9.17
CA SER A 23 9.55 19.11 9.26
C SER A 23 10.99 19.33 8.80
N ASN A 24 11.24 20.22 7.86
CA ASN A 24 12.58 20.46 7.30
C ASN A 24 13.11 19.26 6.51
N VAL A 25 12.40 18.14 6.46
CA VAL A 25 12.84 16.95 5.75
C VAL A 25 12.32 17.01 4.32
N LEU A 26 13.20 16.79 3.34
CA LEU A 26 12.75 16.61 1.95
C LEU A 26 12.91 15.14 1.56
N PRO A 27 11.84 14.37 1.60
CA PRO A 27 11.95 12.93 1.37
C PRO A 27 11.93 12.61 -0.12
N ASP A 28 12.61 11.53 -0.50
CA ASP A 28 12.39 10.99 -1.84
C ASP A 28 11.82 9.57 -1.82
N ILE A 29 11.47 9.05 -0.65
CA ILE A 29 10.84 7.75 -0.52
C ILE A 29 9.59 7.87 0.36
N GLY A 30 8.50 7.22 -0.05
CA GLY A 30 7.29 7.15 0.76
C GLY A 30 6.97 5.72 1.14
N ILE A 31 6.34 5.54 2.31
CA ILE A 31 5.93 4.21 2.73
C ILE A 31 4.50 4.23 3.28
N ILE A 32 3.77 3.18 2.97
CA ILE A 32 2.42 2.90 3.51
C ILE A 32 2.40 1.49 4.00
N GLY A 34 0.81 -1.90 6.12
CA GLY A 34 -0.39 -2.63 6.46
C GLY A 34 -0.66 -2.72 7.95
N SER A 35 -1.86 -3.17 8.31
CA SER A 35 -2.24 -3.22 9.71
C SER A 35 -1.39 -4.25 10.45
N GLY A 36 -0.86 -3.86 11.62
CA GLY A 36 0.05 -4.68 12.38
C GLY A 36 1.48 -4.69 11.85
N LEU A 37 1.75 -3.97 10.76
CA LEU A 37 3.05 -3.99 10.08
C LEU A 37 3.72 -2.62 10.10
N GLY A 38 3.45 -1.82 11.14
CA GLY A 38 3.92 -0.45 11.17
C GLY A 38 5.07 -0.13 12.10
N LYS A 39 5.72 -1.12 12.69
CA LYS A 39 6.75 -0.86 13.70
C LYS A 39 7.92 -0.07 13.14
N LEU A 40 8.23 -0.23 11.84
CA LEU A 40 9.34 0.53 11.25
C LEU A 40 9.15 2.03 11.41
N ILE A 41 7.90 2.50 11.38
CA ILE A 41 7.61 3.92 11.52
C ILE A 41 8.07 4.44 12.87
N GLU A 42 7.94 3.63 13.92
CA GLU A 42 8.40 4.05 15.24
C GLU A 42 9.92 4.08 15.36
N GLU A 43 10.64 3.61 14.35
CA GLU A 43 12.10 3.61 14.36
C GLU A 43 12.69 4.63 13.39
N ILE A 44 11.87 5.47 12.78
CA ILE A 44 12.39 6.54 11.96
C ILE A 44 13.23 7.47 12.83
N GLU A 45 14.42 7.82 12.33
CA GLU A 45 15.37 8.63 13.08
C GLU A 45 15.09 10.11 12.90
N GLU A 46 15.36 10.87 13.97
CA GLU A 46 15.20 12.32 13.99
C GLU A 46 13.86 12.71 13.37
N ARG A 47 12.80 12.13 13.91
CA ARG A 47 11.53 12.12 13.23
C ARG A 47 10.64 13.27 13.68
N LYS A 48 9.60 13.49 12.87
CA LYS A 48 8.59 14.50 13.10
C LYS A 48 7.22 13.89 12.83
N VAL A 49 6.34 13.90 13.83
CA VAL A 49 5.00 13.33 13.75
C VAL A 49 4.00 14.47 13.57
N ILE A 50 3.20 14.41 12.50
CA ILE A 50 2.25 15.44 12.13
C ILE A 50 0.86 14.82 12.01
N PRO A 51 -0.02 15.04 12.99
CA PRO A 51 -1.40 14.53 12.86
C PRO A 51 -2.07 15.04 11.58
N TYR A 52 -2.74 14.13 10.86
CA TYR A 52 -3.52 14.52 9.69
C TYR A 52 -4.39 15.73 9.99
N ILE A 53 -5.04 15.74 11.16
CA ILE A 53 -6.03 16.76 11.48
C ILE A 53 -5.42 18.15 11.49
N ASN A 54 -4.10 18.27 11.65
CA ASN A 54 -3.39 19.54 11.63
C ASN A 54 -2.97 20.02 10.23
N ILE A 55 -3.08 19.21 9.20
CA ILE A 55 -2.53 19.53 7.87
C ILE A 55 -3.63 20.11 7.00
N PRO A 56 -3.44 21.29 6.41
CA PRO A 56 -4.46 21.86 5.54
C PRO A 56 -4.86 20.90 4.42
N ASN A 57 -6.18 20.75 4.26
CA ASN A 57 -6.82 19.97 3.20
C ASN A 57 -6.68 18.45 3.34
N PHE A 58 -6.08 17.94 4.41
CA PHE A 58 -6.06 16.49 4.58
C PHE A 58 -7.48 16.00 4.91
N PRO A 59 -7.82 14.77 4.53
CA PRO A 59 -9.19 14.29 4.74
C PRO A 59 -9.50 14.12 6.22
N LYS A 60 -10.77 14.35 6.56
CA LYS A 60 -11.27 14.14 7.92
C LYS A 60 -11.39 12.64 8.20
N THR A 61 -10.82 12.17 9.33
CA THR A 61 -10.79 10.76 9.65
C THR A 61 -11.37 10.45 11.03
N THR A 62 -12.11 11.39 11.62
CA THR A 62 -12.61 11.18 12.97
C THR A 62 -13.80 10.21 13.05
N VAL A 63 -14.57 9.99 11.99
CA VAL A 63 -15.67 9.03 12.12
C VAL A 63 -15.11 7.63 12.36
N ALA A 64 -14.09 7.24 11.57
CA ALA A 64 -13.43 5.94 11.78
C ALA A 64 -12.58 5.95 13.04
N GLY A 65 -11.98 7.09 13.37
CA GLY A 65 -11.07 7.19 14.50
C GLY A 65 -9.74 6.48 14.27
N HIS A 66 -9.10 6.14 15.39
CA HIS A 66 -7.78 5.52 15.40
C HIS A 66 -6.70 6.44 14.83
N VAL A 67 -5.46 5.96 14.83
CA VAL A 67 -4.30 6.79 14.53
C VAL A 67 -4.32 7.30 13.09
N GLY A 68 -3.80 8.51 12.89
CA GLY A 68 -3.67 9.11 11.58
C GLY A 68 -2.63 10.22 11.59
N ASN A 69 -1.37 9.87 11.37
CA ASN A 69 -0.25 10.81 11.38
C ASN A 69 0.58 10.65 10.11
N LEU A 70 1.16 11.76 9.62
CA LEU A 70 2.30 11.70 8.70
C LEU A 70 3.58 11.77 9.51
N VAL A 71 4.56 10.93 9.17
CA VAL A 71 5.82 10.85 9.92
C VAL A 71 7.00 11.00 8.95
N LEU A 72 7.86 11.99 9.20
CA LEU A 72 9.03 12.27 8.37
C LEU A 72 10.32 12.08 9.16
N GLY A 73 11.36 11.58 8.49
CA GLY A 73 12.68 11.44 9.13
C GLY A 73 13.60 10.57 8.27
N SER A 74 14.55 9.91 8.93
CA SER A 74 15.60 9.16 8.23
C SER A 74 15.59 7.67 8.58
N VAL A 75 15.80 6.84 7.57
CA VAL A 75 15.98 5.38 7.72
C VAL A 75 17.17 4.98 6.86
N GLY A 76 18.17 4.37 7.47
CA GLY A 76 19.34 3.92 6.72
C GLY A 76 20.02 5.00 5.91
N GLY A 77 20.01 6.23 6.41
CA GLY A 77 20.60 7.35 5.70
C GLY A 77 19.72 7.97 4.62
N ARG A 78 18.50 7.48 4.44
CA ARG A 78 17.60 7.95 3.39
C ARG A 78 16.46 8.75 4.01
N LYS A 79 15.95 9.73 3.28
CA LYS A 79 14.91 10.62 3.79
C LYS A 79 13.55 10.08 3.38
N ILE A 80 12.65 9.86 4.35
CA ILE A 80 11.38 9.22 4.02
C ILE A 80 10.20 9.98 4.65
N VAL A 81 9.01 9.71 4.08
CA VAL A 81 7.73 10.13 4.66
C VAL A 81 6.81 8.91 4.71
N ALA A 82 6.19 8.68 5.87
CA ALA A 82 5.28 7.55 6.10
C ALA A 82 3.87 8.02 6.42
N MET A 83 2.87 7.26 5.93
CA MET A 83 1.49 7.39 6.40
C MET A 83 1.25 6.39 7.53
N GLN A 84 0.96 6.91 8.74
CA GLN A 84 0.66 6.10 9.92
C GLN A 84 -0.85 6.11 10.15
N GLY A 85 -1.53 5.07 9.69
CA GLY A 85 -2.98 5.08 9.60
C GLY A 85 -3.45 5.32 8.17
N ARG A 86 -3.61 4.26 7.40
CA ARG A 86 -3.93 4.50 6.01
C ARG A 86 -5.44 4.53 5.80
N LEU A 87 -5.85 5.19 4.72
CA LEU A 87 -7.24 5.39 4.38
C LEU A 87 -7.67 4.29 3.43
N HIS A 88 -8.77 3.60 3.75
CA HIS A 88 -9.29 2.52 2.93
C HIS A 88 -10.64 2.89 2.31
N MET A 89 -10.86 2.52 1.04
CA MET A 89 -12.08 2.97 0.37
C MET A 89 -13.33 2.30 0.95
N TYR A 90 -13.21 1.13 1.59
CA TYR A 90 -14.41 0.53 2.20
C TYR A 90 -14.91 1.31 3.41
N GLU A 91 -14.15 2.30 3.89
CA GLU A 91 -14.63 3.17 4.96
C GLU A 91 -15.57 4.28 4.48
N GLY A 92 -15.66 4.46 3.16
CA GLY A 92 -16.48 5.48 2.55
C GLY A 92 -15.74 6.72 2.10
N TYR A 93 -14.42 6.74 2.20
CA TYR A 93 -13.65 7.88 1.66
C TYR A 93 -13.84 8.00 0.16
N SER A 94 -13.90 9.24 -0.33
CA SER A 94 -14.01 9.46 -1.76
C SER A 94 -12.66 9.31 -2.48
N ASN A 95 -12.75 9.24 -3.82
CA ASN A 95 -11.56 9.26 -4.67
C ASN A 95 -10.63 10.42 -4.33
N GLN A 96 -11.21 11.60 -4.08
CA GLN A 96 -10.40 12.78 -3.80
C GLN A 96 -9.67 12.67 -2.47
N GLU A 97 -10.30 12.05 -1.46
CA GLU A 97 -9.66 11.91 -0.14
C GLU A 97 -8.49 10.92 -0.19
N ILE A 98 -8.66 9.80 -0.91
CA ILE A 98 -7.59 8.82 -1.07
C ILE A 98 -6.40 9.44 -1.79
N ALA A 99 -6.67 10.22 -2.86
CA ALA A 99 -5.60 10.69 -3.76
C ALA A 99 -4.75 11.79 -3.15
N LEU A 100 -5.34 12.67 -2.31
CA LEU A 100 -4.60 13.88 -1.93
C LEU A 100 -3.30 13.59 -1.17
N PRO A 101 -3.26 12.68 -0.18
CA PRO A 101 -1.98 12.42 0.49
C PRO A 101 -0.88 11.90 -0.44
N ILE A 102 -1.23 11.10 -1.46
CA ILE A 102 -0.23 10.61 -2.42
C ILE A 102 0.31 11.75 -3.29
N ARG A 103 -0.60 12.64 -3.75
CA ARG A 103 -0.18 13.82 -4.53
C ARG A 103 0.65 14.81 -3.70
N VAL A 104 0.40 14.90 -2.40
CA VAL A 104 1.27 15.67 -1.50
C VAL A 104 2.65 15.03 -1.46
N MET A 105 2.72 13.69 -1.33
CA MET A 105 4.03 13.03 -1.41
C MET A 105 4.78 13.44 -2.68
N LYS A 106 4.09 13.43 -3.82
CA LYS A 106 4.74 13.83 -5.07
C LYS A 106 5.33 15.24 -4.96
N LEU A 107 4.54 16.20 -4.48
CA LEU A 107 5.02 17.58 -4.40
C LEU A 107 6.17 17.72 -3.39
N LEU A 108 6.23 16.86 -2.38
CA LEU A 108 7.34 16.87 -1.42
C LEU A 108 8.63 16.31 -2.00
N GLY A 109 8.55 15.57 -3.11
CA GLY A 109 9.74 15.04 -3.79
C GLY A 109 9.81 13.52 -3.89
N VAL A 110 8.79 12.80 -3.47
CA VAL A 110 8.83 11.33 -3.45
C VAL A 110 8.93 10.79 -4.87
N ARG A 111 9.91 9.89 -5.09
CA ARG A 111 10.08 9.19 -6.36
C ARG A 111 9.79 7.70 -6.30
N VAL A 112 9.82 7.08 -5.12
CA VAL A 112 9.56 5.65 -4.90
C VAL A 112 8.59 5.50 -3.73
N LEU A 113 7.56 4.65 -3.90
CA LEU A 113 6.57 4.35 -2.86
C LEU A 113 6.59 2.85 -2.58
N LEU A 114 6.83 2.49 -1.31
CA LEU A 114 6.86 1.11 -0.84
C LEU A 114 5.59 0.84 -0.03
N ILE A 115 4.87 -0.25 -0.36
CA ILE A 115 3.57 -0.56 0.25
C ILE A 115 3.51 -2.00 0.74
N THR A 116 2.96 -2.21 1.95
CA THR A 116 2.62 -3.56 2.40
C THR A 116 1.12 -3.67 2.74
N ASN A 117 0.61 -4.91 2.66
CA ASN A 117 -0.80 -5.21 2.97
C ASN A 117 -0.93 -6.65 3.45
N LEU A 118 -2.10 -6.95 4.04
CA LEU A 118 -2.51 -8.30 4.40
C LEU A 118 -3.55 -8.81 3.39
N ALA A 119 -3.40 -10.06 2.98
CA ALA A 119 -4.20 -10.59 1.87
C ALA A 119 -4.54 -12.06 2.07
N GLY A 120 -5.51 -12.54 1.30
CA GLY A 120 -5.83 -13.96 1.20
C GLY A 120 -5.16 -14.63 0.00
N GLY A 121 -4.72 -15.87 0.22
CA GLY A 121 -4.14 -16.65 -0.88
C GLY A 121 -5.17 -17.36 -1.73
N ILE A 122 -5.02 -17.28 -3.06
CA ILE A 122 -5.85 -18.00 -4.02
C ILE A 122 -5.06 -19.11 -4.70
N ASN A 123 -3.87 -18.78 -5.21
CA ASN A 123 -2.97 -19.79 -5.78
C ASN A 123 -2.69 -20.89 -4.76
N ARG A 124 -2.73 -22.15 -5.20
CA ARG A 124 -2.59 -23.26 -4.26
C ARG A 124 -1.18 -23.38 -3.69
N LYS A 125 -0.17 -22.73 -4.27
CA LYS A 125 1.18 -22.76 -3.69
C LYS A 125 1.36 -21.85 -2.48
N LEU A 126 0.38 -21.00 -2.14
CA LEU A 126 0.53 -20.00 -1.10
C LEU A 126 0.02 -20.50 0.27
N LYS A 127 0.81 -20.28 1.32
CA LYS A 127 0.52 -20.67 2.69
C LYS A 127 0.48 -19.43 3.59
N SER A 128 -0.19 -19.57 4.73
CA SER A 128 -0.14 -18.54 5.77
C SER A 128 1.30 -18.22 6.12
N GLY A 129 1.62 -16.91 6.17
CA GLY A 129 2.96 -16.42 6.45
C GLY A 129 3.86 -16.20 5.24
N ASP A 130 3.42 -16.58 4.05
CA ASP A 130 4.19 -16.29 2.83
C ASP A 130 4.07 -14.82 2.45
N PHE A 131 5.06 -14.34 1.68
CA PHE A 131 5.07 -13.00 1.10
C PHE A 131 4.87 -13.09 -0.42
N VAL A 132 4.13 -12.14 -1.00
CA VAL A 132 3.93 -12.11 -2.46
C VAL A 132 4.34 -10.73 -3.00
N LEU A 133 5.35 -10.72 -3.88
CA LEU A 133 5.70 -9.53 -4.64
C LEU A 133 4.64 -9.34 -5.72
N ILE A 134 3.92 -8.22 -5.69
CA ILE A 134 2.81 -8.00 -6.63
C ILE A 134 3.36 -7.55 -7.98
N LYS A 135 3.01 -8.27 -9.05
CA LYS A 135 3.49 -7.99 -10.39
C LYS A 135 2.40 -7.46 -11.33
N GLY A 136 1.15 -7.44 -10.89
CA GLY A 136 0.03 -6.96 -11.70
C GLY A 136 -1.24 -7.10 -10.89
N HIS A 137 -2.37 -6.60 -11.44
CA HIS A 137 -3.61 -6.62 -10.64
C HIS A 137 -4.87 -6.78 -11.51
N ILE A 138 -5.97 -7.17 -10.87
CA ILE A 138 -7.31 -7.18 -11.46
C ILE A 138 -8.17 -6.28 -10.57
N ASN A 139 -8.60 -5.14 -11.12
CA ASN A 139 -9.20 -4.03 -10.36
C ASN A 139 -10.73 -4.07 -10.57
N PHE A 140 -11.45 -4.86 -9.75
CA PHE A 140 -12.90 -4.97 -9.97
C PHE A 140 -13.60 -3.63 -9.79
N PRO A 141 -13.29 -2.79 -8.78
CA PRO A 141 -13.90 -1.45 -8.76
C PRO A 141 -13.65 -0.65 -10.05
N GLY A 142 -12.43 -0.70 -10.58
CA GLY A 142 -12.12 0.05 -11.80
C GLY A 142 -12.93 -0.39 -13.02
N LEU A 143 -13.05 -1.70 -13.24
CA LEU A 143 -13.92 -2.17 -14.31
C LEU A 143 -15.34 -1.70 -14.08
N GLY A 144 -15.78 -1.61 -12.82
CA GLY A 144 -17.16 -1.31 -12.48
C GLY A 144 -17.55 0.14 -12.19
N LEU A 145 -16.77 1.11 -12.68
CA LEU A 145 -17.02 2.57 -12.65
C LEU A 145 -16.74 3.19 -11.27
N ASN A 146 -15.95 2.49 -10.42
CA ASN A 146 -15.45 3.02 -9.14
C ASN A 146 -13.91 3.10 -9.10
N ASN A 147 -13.26 3.25 -10.26
CA ASN A 147 -11.82 3.58 -10.32
C ASN A 147 -11.54 4.85 -9.53
N VAL A 148 -10.37 4.88 -8.84
CA VAL A 148 -9.95 6.03 -8.03
C VAL A 148 -9.74 7.30 -8.88
N LEU A 149 -9.59 7.17 -10.21
CA LEU A 149 -9.43 8.31 -11.12
C LEU A 149 -10.74 8.78 -11.76
N VAL A 150 -11.88 8.16 -11.43
CA VAL A 150 -13.15 8.69 -11.97
C VAL A 150 -13.37 10.11 -11.43
N GLY A 151 -13.62 11.04 -12.35
CA GLY A 151 -13.75 12.45 -12.04
C GLY A 151 -12.97 13.27 -13.08
N PRO A 152 -12.94 14.59 -12.93
CA PRO A 152 -12.06 15.41 -13.78
C PRO A 152 -10.61 14.95 -13.66
N ASN A 153 -9.86 15.03 -14.76
CA ASN A 153 -8.42 14.81 -14.64
C ASN A 153 -7.71 16.06 -14.11
N GLN A 154 -6.75 15.83 -13.22
CA GLN A 154 -5.87 16.88 -12.69
C GLN A 154 -4.61 16.83 -13.53
N ASP A 155 -4.60 17.64 -14.60
CA ASP A 155 -3.57 17.58 -15.64
C ASP A 155 -2.14 17.80 -15.11
N GLU A 156 -1.97 18.60 -14.06
CA GLU A 156 -0.63 18.88 -13.55
C GLU A 156 0.04 17.62 -13.01
N PHE A 157 -0.75 16.63 -12.62
CA PHE A 157 -0.19 15.42 -12.05
C PHE A 157 0.02 14.30 -13.06
N GLY A 158 -0.83 14.17 -14.09
CA GLY A 158 -0.72 13.05 -15.01
C GLY A 158 -1.77 13.08 -16.11
N PRO A 159 -1.76 12.05 -16.97
CA PRO A 159 -2.61 12.04 -18.16
C PRO A 159 -4.03 11.54 -17.88
N ARG A 160 -4.94 11.89 -18.80
CA ARG A 160 -6.35 11.47 -18.67
C ARG A 160 -6.50 9.96 -18.68
N PHE A 161 -5.73 9.25 -19.52
CA PHE A 161 -5.83 7.80 -19.69
C PHE A 161 -4.50 7.10 -19.37
N PRO A 162 -4.20 6.79 -18.12
CA PRO A 162 -2.94 6.12 -17.77
C PRO A 162 -2.85 4.67 -18.23
N ASP A 163 -1.61 4.28 -18.57
CA ASP A 163 -1.20 2.91 -18.86
C ASP A 163 -0.57 2.34 -17.57
N LEU A 164 -1.12 1.23 -17.07
CA LEU A 164 -0.67 0.61 -15.83
C LEU A 164 0.25 -0.60 -16.06
N SER A 165 0.71 -0.82 -17.30
CA SER A 165 1.45 -2.04 -17.57
C SER A 165 2.78 -2.11 -16.84
N ASN A 166 3.37 -0.98 -16.44
CA ASN A 166 4.62 -0.98 -15.68
C ASN A 166 4.42 -0.30 -14.32
N ALA A 167 3.22 -0.42 -13.75
CA ALA A 167 2.94 0.17 -12.44
C ALA A 167 3.78 -0.46 -11.33
N TYR A 168 4.09 -1.75 -11.42
CA TYR A 168 4.89 -2.44 -10.41
C TYR A 168 6.32 -2.60 -10.96
N ASP A 169 7.22 -1.73 -10.52
CA ASP A 169 8.60 -1.69 -11.04
C ASP A 169 9.32 -3.04 -10.96
N ARG A 170 9.86 -3.50 -12.10
CA ARG A 170 10.50 -4.81 -12.13
C ARG A 170 11.82 -4.85 -11.36
N LEU A 171 12.63 -3.79 -11.45
CA LEU A 171 13.92 -3.80 -10.74
C LEU A 171 13.72 -3.75 -9.22
N LEU A 172 12.66 -3.10 -8.72
CA LEU A 172 12.41 -3.12 -7.29
C LEU A 172 11.99 -4.52 -6.80
N GLN A 173 11.21 -5.24 -7.59
CA GLN A 173 10.94 -6.66 -7.28
C GLN A 173 12.23 -7.46 -7.22
N GLN A 174 13.16 -7.24 -8.16
CA GLN A 174 14.42 -7.98 -8.17
C GLN A 174 15.24 -7.66 -6.93
N LEU A 175 15.24 -6.40 -6.49
CA LEU A 175 16.04 -6.04 -5.32
C LEU A 175 15.47 -6.66 -4.05
N ALA A 176 14.14 -6.64 -3.92
CA ALA A 176 13.49 -7.25 -2.76
C ALA A 176 13.83 -8.74 -2.68
N LEU A 177 13.78 -9.43 -3.82
CA LEU A 177 14.12 -10.86 -3.82
C LEU A 177 15.60 -11.09 -3.48
N LYS A 178 16.49 -10.27 -4.03
CA LYS A 178 17.91 -10.43 -3.75
C LYS A 178 18.20 -10.37 -2.26
N ILE A 179 17.54 -9.45 -1.55
CA ILE A 179 17.74 -9.28 -0.11
C ILE A 179 17.20 -10.47 0.66
N ALA A 180 16.04 -11.00 0.23
CA ALA A 180 15.53 -12.25 0.81
C ALA A 180 16.54 -13.39 0.66
N GLN A 181 17.16 -13.50 -0.51
CA GLN A 181 18.18 -14.52 -0.72
C GLN A 181 19.39 -14.32 0.18
N GLU A 182 19.82 -13.07 0.37
CA GLU A 182 20.99 -12.81 1.20
C GLU A 182 20.77 -13.26 2.64
N ASN A 183 19.53 -13.21 3.12
CA ASN A 183 19.16 -13.55 4.49
C ASN A 183 18.49 -14.92 4.60
N ASP A 184 18.50 -15.70 3.53
CA ASP A 184 18.02 -17.10 3.51
C ASP A 184 16.55 -17.24 3.89
N PHE A 185 15.68 -16.29 3.47
CA PHE A 185 14.23 -16.51 3.58
C PHE A 185 13.52 -16.41 2.23
N GLN A 186 14.25 -16.69 1.14
CA GLN A 186 13.65 -16.68 -0.20
C GLN A 186 12.58 -17.76 -0.37
N ASP A 187 12.60 -18.82 0.45
CA ASP A 187 11.57 -19.85 0.37
C ASP A 187 10.19 -19.32 0.73
N LEU A 188 10.11 -18.16 1.40
CA LEU A 188 8.85 -17.52 1.72
C LEU A 188 8.32 -16.58 0.64
N VAL A 189 9.12 -16.27 -0.38
CA VAL A 189 8.83 -15.16 -1.30
C VAL A 189 8.36 -15.69 -2.66
N HIS A 190 7.15 -15.31 -3.06
CA HIS A 190 6.48 -15.62 -4.32
C HIS A 190 6.24 -14.33 -5.11
N GLU A 191 5.73 -14.47 -6.34
CA GLU A 191 5.22 -13.33 -7.10
C GLU A 191 3.81 -13.65 -7.53
N GLY A 192 2.99 -12.63 -7.79
CA GLY A 192 1.63 -12.94 -8.19
C GLY A 192 0.78 -11.73 -8.54
N VAL A 193 -0.42 -12.05 -9.04
CA VAL A 193 -1.44 -11.09 -9.47
C VAL A 193 -2.41 -10.85 -8.32
N TYR A 194 -2.66 -9.58 -7.99
CA TYR A 194 -3.51 -9.16 -6.88
C TYR A 194 -4.90 -8.76 -7.36
N ALA A 195 -5.94 -9.39 -6.80
CA ALA A 195 -7.33 -8.99 -7.05
C ALA A 195 -7.79 -8.03 -5.95
N PHE A 196 -8.33 -6.88 -6.37
CA PHE A 196 -8.88 -5.87 -5.45
C PHE A 196 -10.37 -6.16 -5.24
N ASN A 197 -10.70 -6.67 -4.04
CA ASN A 197 -12.07 -6.77 -3.52
C ASN A 197 -12.39 -5.51 -2.73
N GLY A 198 -13.37 -4.71 -3.18
CA GLY A 198 -13.62 -3.45 -2.50
C GLY A 198 -13.84 -3.59 -0.98
N GLY A 199 -14.47 -4.67 -0.54
CA GLY A 199 -14.70 -4.92 0.88
C GLY A 199 -15.93 -4.23 1.46
N PRO A 200 -16.15 -4.31 2.79
CA PRO A 200 -15.25 -4.84 3.81
C PRO A 200 -15.49 -6.31 4.21
N THR A 201 -16.45 -6.98 3.59
CA THR A 201 -16.61 -8.42 3.83
C THR A 201 -15.48 -9.18 3.14
N TYR A 202 -14.97 -10.21 3.82
CA TYR A 202 -14.01 -11.11 3.19
C TYR A 202 -14.68 -11.75 1.98
N GLU A 203 -13.89 -12.05 0.95
CA GLU A 203 -14.41 -12.82 -0.18
C GLU A 203 -15.13 -14.09 0.29
N SER A 204 -16.33 -14.29 -0.25
CA SER A 204 -17.08 -15.50 0.05
C SER A 204 -16.39 -16.72 -0.56
N PRO A 205 -16.71 -17.92 -0.08
CA PRO A 205 -16.12 -19.14 -0.65
C PRO A 205 -16.30 -19.25 -2.16
N ASP A 206 -17.48 -18.88 -2.68
CA ASP A 206 -17.72 -18.99 -4.11
C ASP A 206 -17.02 -17.86 -4.88
N GLU A 207 -16.82 -16.69 -4.27
CA GLU A 207 -16.01 -15.66 -4.89
C GLU A 207 -14.54 -16.10 -4.97
N SER A 208 -14.04 -16.80 -3.95
CA SER A 208 -12.68 -17.32 -4.01
C SER A 208 -12.52 -18.27 -5.18
N ASN A 209 -13.46 -19.20 -5.33
CA ASN A 209 -13.41 -20.17 -6.43
C ASN A 209 -13.43 -19.46 -7.78
N MET A 210 -14.24 -18.40 -7.90
CA MET A 210 -14.26 -17.60 -9.12
C MET A 210 -12.91 -16.97 -9.40
N LEU A 211 -12.26 -16.42 -8.36
CA LEU A 211 -10.98 -15.75 -8.56
C LEU A 211 -9.91 -16.72 -9.02
N LEU A 212 -9.98 -17.97 -8.59
CA LEU A 212 -9.03 -18.98 -9.06
C LEU A 212 -9.18 -19.19 -10.57
N LYS A 213 -10.42 -19.32 -11.04
CA LYS A 213 -10.70 -19.46 -12.47
C LYS A 213 -10.15 -18.29 -13.29
N LEU A 214 -10.11 -17.10 -12.72
CA LEU A 214 -9.78 -15.86 -13.45
C LEU A 214 -8.30 -15.50 -13.40
N GLY A 215 -7.46 -16.35 -12.82
CA GLY A 215 -6.03 -16.13 -12.83
C GLY A 215 -5.50 -15.26 -11.71
N CYS A 216 -6.24 -15.11 -10.62
CA CYS A 216 -5.78 -14.32 -9.49
C CYS A 216 -4.94 -15.19 -8.57
N ASP A 217 -3.87 -14.62 -8.03
CA ASP A 217 -3.04 -15.33 -7.06
C ASP A 217 -3.34 -14.95 -5.61
N VAL A 218 -3.72 -13.70 -5.34
CA VAL A 218 -4.03 -13.19 -4.00
C VAL A 218 -5.20 -12.23 -4.11
N VAL A 219 -5.88 -11.98 -2.98
CA VAL A 219 -7.03 -11.05 -2.94
C VAL A 219 -6.94 -10.21 -1.66
N GLY A 220 -7.27 -8.91 -1.79
CA GLY A 220 -7.32 -8.04 -0.63
C GLY A 220 -8.11 -6.78 -0.93
N MET A 221 -8.20 -5.92 0.10
CA MET A 221 -9.12 -4.78 0.09
C MET A 221 -8.42 -3.42 0.04
N SER A 222 -7.17 -3.35 -0.38
CA SER A 222 -6.40 -2.11 -0.32
C SER A 222 -5.46 -2.03 -1.52
N THR A 223 -4.54 -1.05 -1.45
CA THR A 223 -3.33 -0.98 -2.29
C THR A 223 -3.55 -0.51 -3.73
N VAL A 224 -4.47 -1.13 -4.47
CA VAL A 224 -4.65 -0.75 -5.89
C VAL A 224 -5.01 0.73 -6.07
N PRO A 225 -5.85 1.36 -5.23
CA PRO A 225 -6.09 2.81 -5.41
C PRO A 225 -4.82 3.65 -5.30
N GLU A 226 -3.99 3.37 -4.28
CA GLU A 226 -2.73 4.11 -4.10
C GLU A 226 -1.77 3.87 -5.26
N VAL A 227 -1.66 2.62 -5.74
CA VAL A 227 -0.81 2.30 -6.88
C VAL A 227 -1.22 3.13 -8.09
N ILE A 228 -2.53 3.25 -8.33
CA ILE A 228 -2.98 3.96 -9.54
C ILE A 228 -2.67 5.46 -9.44
N ILE A 229 -2.89 6.06 -8.28
CA ILE A 229 -2.56 7.49 -8.11
C ILE A 229 -1.05 7.73 -8.25
N ALA A 230 -0.23 6.84 -7.69
CA ALA A 230 1.23 6.92 -7.83
C ALA A 230 1.67 6.80 -9.29
N CYS A 231 1.19 5.76 -10.00
CA CYS A 231 1.55 5.56 -11.41
C CYS A 231 1.14 6.77 -12.27
N HIS A 232 -0.08 7.28 -12.05
CA HIS A 232 -0.56 8.49 -12.75
C HIS A 232 0.45 9.63 -12.69
N CYS A 233 1.09 9.85 -11.52
CA CYS A 233 1.97 11.00 -11.35
C CYS A 233 3.47 10.62 -11.38
N GLY A 234 3.80 9.43 -11.90
CA GLY A 234 5.20 9.06 -12.17
C GLY A 234 6.03 8.55 -10.99
N ILE A 235 5.40 8.07 -9.94
CA ILE A 235 6.08 7.49 -8.78
C ILE A 235 6.18 5.98 -8.97
N LYS A 236 7.39 5.42 -8.80
CA LYS A 236 7.63 3.99 -8.90
C LYS A 236 7.09 3.29 -7.64
N VAL A 237 6.61 2.04 -7.79
CA VAL A 237 5.96 1.32 -6.69
C VAL A 237 6.54 -0.09 -6.51
N LEU A 238 6.76 -0.48 -5.23
CA LEU A 238 6.92 -1.88 -4.82
C LEU A 238 5.78 -2.17 -3.85
N ALA A 239 5.01 -3.22 -4.12
CA ALA A 239 3.90 -3.64 -3.24
C ALA A 239 4.06 -5.11 -2.85
N VAL A 240 3.98 -5.42 -1.54
CA VAL A 240 4.19 -6.78 -1.02
C VAL A 240 2.98 -7.16 -0.16
N SER A 241 2.38 -8.31 -0.44
CA SER A 241 1.29 -8.86 0.37
C SER A 241 1.83 -9.90 1.36
N LEU A 242 1.34 -9.85 2.62
CA LEU A 242 1.54 -10.92 3.59
C LEU A 242 0.29 -11.80 3.58
N ILE A 243 0.46 -13.09 3.35
CA ILE A 243 -0.66 -14.01 3.20
C ILE A 243 -1.12 -14.47 4.58
N ALA A 244 -2.37 -14.20 4.92
CA ALA A 244 -2.89 -14.61 6.21
C ALA A 244 -3.48 -16.03 6.22
N ASN A 245 -3.87 -16.55 5.07
CA ASN A 245 -4.63 -17.79 4.95
C ASN A 245 -4.76 -18.07 3.47
N ASN A 246 -5.12 -19.32 3.13
CA ASN A 246 -5.45 -19.69 1.75
C ASN A 246 -6.96 -19.87 1.66
N SER A 247 -7.63 -18.94 0.95
CA SER A 247 -9.08 -18.93 0.87
C SER A 247 -9.63 -20.13 0.12
N ILE A 248 -8.85 -20.70 -0.80
CA ILE A 248 -9.33 -21.85 -1.56
C ILE A 248 -9.35 -23.10 -0.68
N LEU A 249 -8.26 -23.33 0.08
CA LEU A 249 -8.26 -24.45 1.03
C LEU A 249 -9.37 -24.28 2.07
N ASP A 250 -9.53 -23.07 2.61
CA ASP A 250 -10.59 -22.83 3.59
C ASP A 250 -11.97 -23.16 3.00
N ALA A 251 -12.20 -22.86 1.72
CA ALA A 251 -13.51 -23.20 1.13
C ALA A 251 -13.70 -24.70 1.00
N GLU A 252 -12.66 -25.44 0.64
CA GLU A 252 -12.78 -26.89 0.54
C GLU A 252 -13.03 -27.55 1.90
N ASN A 253 -12.47 -26.98 2.98
CA ASN A 253 -12.55 -27.56 4.32
C ASN A 253 -13.61 -26.90 5.23
N ASP A 254 -14.34 -25.89 4.73
CA ASP A 254 -15.34 -25.15 5.51
C ASP A 254 -14.77 -24.52 6.79
N VAL A 255 -13.66 -23.80 6.64
CA VAL A 255 -12.94 -23.09 7.72
C VAL A 255 -13.09 -21.58 7.57
N SER A 256 -13.27 -20.87 8.69
CA SER A 256 -13.55 -19.43 8.61
C SER A 256 -12.27 -18.61 8.73
N ILE A 257 -12.36 -17.35 8.29
CA ILE A 257 -11.30 -16.38 8.50
C ILE A 257 -11.90 -15.24 9.30
N ASN A 258 -11.05 -14.55 10.06
CA ASN A 258 -11.52 -13.40 10.82
C ASN A 258 -10.34 -12.50 11.11
N HIS A 259 -10.64 -11.27 11.53
CA HIS A 259 -9.61 -10.25 11.67
C HIS A 259 -8.61 -10.60 12.77
N GLU A 260 -9.06 -11.32 13.81
CA GLU A 260 -8.13 -11.74 14.86
C GLU A 260 -7.07 -12.68 14.31
N LYS A 261 -7.47 -13.69 13.52
CA LYS A 261 -6.48 -14.59 12.91
C LYS A 261 -5.52 -13.83 12.00
N VAL A 262 -6.03 -12.82 11.28
CA VAL A 262 -5.19 -12.04 10.39
C VAL A 262 -4.11 -11.30 11.17
N LEU A 263 -4.50 -10.60 12.24
CA LEU A 263 -3.54 -9.83 13.03
C LEU A 263 -2.52 -10.74 13.71
N ALA A 264 -2.89 -11.97 14.04
CA ALA A 264 -1.89 -12.87 14.64
C ALA A 264 -0.81 -13.27 13.63
N VAL A 265 -1.19 -13.44 12.36
CA VAL A 265 -0.17 -13.68 11.33
C VAL A 265 0.71 -12.44 11.16
N ALA A 266 0.12 -11.25 11.18
CA ALA A 266 0.93 -10.03 11.10
C ALA A 266 1.98 -9.99 12.21
N GLU A 267 1.58 -10.28 13.45
CA GLU A 267 2.55 -10.26 14.54
C GLU A 267 3.66 -11.28 14.32
N LYS A 268 3.33 -12.43 13.74
CA LYS A 268 4.31 -13.48 13.53
C LYS A 268 5.40 -13.07 12.54
N ARG A 269 5.07 -12.23 11.56
CA ARG A 269 6.02 -11.82 10.52
C ARG A 269 6.47 -10.36 10.63
N ALA A 270 5.98 -9.60 11.63
CA ALA A 270 6.24 -8.16 11.67
C ALA A 270 7.74 -7.83 11.72
N ASP A 271 8.51 -8.51 12.59
CA ASP A 271 9.92 -8.14 12.75
C ASP A 271 10.74 -8.45 11.51
N LEU A 272 10.46 -9.58 10.84
CA LEU A 272 11.17 -9.90 9.60
C LEU A 272 10.83 -8.91 8.49
N LEU A 273 9.58 -8.52 8.38
CA LEU A 273 9.20 -7.55 7.37
C LEU A 273 9.82 -6.18 7.64
N GLN A 274 9.93 -5.81 8.92
CA GLN A 274 10.61 -4.57 9.31
C GLN A 274 12.07 -4.60 8.84
N MET A 275 12.76 -5.69 9.13
CA MET A 275 14.17 -5.78 8.75
C MET A 275 14.34 -5.75 7.24
N TRP A 276 13.50 -6.51 6.52
CA TRP A 276 13.55 -6.53 5.05
C TRP A 276 13.37 -5.15 4.45
N PHE A 277 12.36 -4.40 4.92
CA PHE A 277 12.08 -3.11 4.29
C PHE A 277 13.11 -2.07 4.69
N LYS A 278 13.70 -2.17 5.89
CA LYS A 278 14.79 -1.27 6.24
C LYS A 278 15.94 -1.42 5.25
N GLU A 279 16.25 -2.67 4.86
CA GLU A 279 17.35 -2.91 3.95
C GLU A 279 17.00 -2.52 2.52
N ILE A 280 15.75 -2.72 2.10
CA ILE A 280 15.32 -2.24 0.78
C ILE A 280 15.50 -0.73 0.68
N ILE A 281 15.07 0.01 1.71
CA ILE A 281 15.21 1.46 1.73
C ILE A 281 16.68 1.85 1.64
N THR A 282 17.53 1.19 2.44
CA THR A 282 18.97 1.48 2.42
C THR A 282 19.57 1.27 1.03
N ARG A 283 19.11 0.23 0.33
CA ARG A 283 19.72 -0.22 -0.93
C ARG A 283 19.10 0.41 -2.19
N LEU A 284 18.01 1.17 -2.08
CA LEU A 284 17.38 1.72 -3.26
C LEU A 284 18.39 2.50 -4.10
N PRO A 285 18.37 2.34 -5.43
CA PRO A 285 19.38 3.00 -6.26
C PRO A 285 19.50 4.50 -5.98
#